data_6PDE
#
_entry.id   6PDE
#
_cell.length_a   46.081
_cell.length_b   56.383
_cell.length_c   122.684
_cell.angle_alpha   90.00
_cell.angle_beta   90.00
_cell.angle_gamma   90.00
#
_symmetry.space_group_name_H-M   'P 21 21 21'
#
loop_
_entity.id
_entity.type
_entity.pdbx_description
1 polymer 'Histone acetyltransferase KAT8'
2 non-polymer 'ZINC ION'
3 non-polymer 'SODIUM ION'
4 non-polymer GLYCEROL
5 non-polymer 'SULFATE ION'
6 non-polymer "2-fluoro-3-methyl-N'-(phenylsulfonyl)-5-propoxybenzohydrazide"
7 water water
#
_entity_poly.entity_id   1
_entity_poly.type   'polypeptide(L)'
_entity_poly.pdbx_seq_one_letter_code
;KYVDKIHIGNYEIDAWYFSPFPEDYGKQPKLWLCEYCLKYMKYEKSYRFHLGQCQWRQPPGKEIYRKSNISVHEVDGKDH
KIYCQNLCLLAKLFLDH(ALY)TLYFDVEPFVFYILTEVDRQGAHIVGYFSKEKESPDGNNVSCIMILPPYQRRGYGRFL
IAFSYELSKLESTVGSPEKPLSDLGKLSYRSYWSSVLLENLRDFRGTLSIKDLSQMTSITQNDIISTLQSLNMVKYWKGQ
HVICVTPKLVEEHLKSAQYKKPPITVDSVCLKWAPP
;
_entity_poly.pdbx_strand_id   A
#
loop_
_chem_comp.id
_chem_comp.type
_chem_comp.name
_chem_comp.formula
GOL non-polymer GLYCEROL 'C3 H8 O3'
NA non-polymer 'SODIUM ION' 'Na 1'
O9V non-polymer 2-fluoro-3-methyl-N'-(phenylsulfonyl)-5-propoxybenzohydrazide 'C17 H19 F N2 O4 S'
SO4 non-polymer 'SULFATE ION' 'O4 S -2'
ZN non-polymer 'ZINC ION' 'Zn 2'
#
# COMPACT_ATOMS: atom_id res chain seq x y z
N LYS A 1 -3.62 24.00 -17.50
CA LYS A 1 -3.92 23.91 -16.07
C LYS A 1 -4.27 22.47 -15.67
N TYR A 2 -3.71 22.03 -14.54
CA TYR A 2 -3.86 20.66 -14.06
C TYR A 2 -4.82 20.61 -12.87
N VAL A 3 -5.34 19.42 -12.63
CA VAL A 3 -6.03 19.15 -11.36
C VAL A 3 -5.06 19.45 -10.22
N ASP A 4 -5.43 20.38 -9.33
CA ASP A 4 -4.58 20.72 -8.21
C ASP A 4 -5.26 20.50 -6.86
N LYS A 5 -6.51 20.05 -6.85
CA LYS A 5 -7.28 19.97 -5.63
C LYS A 5 -8.45 19.04 -5.86
N ILE A 6 -8.71 18.14 -4.90
CA ILE A 6 -9.83 17.22 -5.03
C ILE A 6 -10.67 17.26 -3.77
N HIS A 7 -11.95 16.95 -3.95
CA HIS A 7 -12.85 16.67 -2.85
C HIS A 7 -13.24 15.20 -2.94
N ILE A 8 -12.96 14.45 -1.89
CA ILE A 8 -13.33 13.04 -1.83
C ILE A 8 -13.83 12.74 -0.43
N GLY A 9 -15.00 12.12 -0.34
CA GLY A 9 -15.63 11.93 0.95
C GLY A 9 -15.86 13.28 1.61
N ASN A 10 -15.32 13.44 2.82
CA ASN A 10 -15.38 14.71 3.54
C ASN A 10 -14.03 15.43 3.56
N TYR A 11 -13.11 15.05 2.68
CA TYR A 11 -11.77 15.63 2.63
C TYR A 11 -11.60 16.49 1.39
N GLU A 12 -10.95 17.63 1.57
CA GLU A 12 -10.32 18.35 0.48
C GLU A 12 -8.83 18.08 0.54
N ILE A 13 -8.23 17.75 -0.60
CA ILE A 13 -6.83 17.34 -0.65
C ILE A 13 -6.14 18.06 -1.79
N ASP A 14 -5.01 18.70 -1.50
CA ASP A 14 -4.18 19.33 -2.52
C ASP A 14 -3.37 18.26 -3.25
N ALA A 15 -3.23 18.44 -4.56
CA ALA A 15 -2.42 17.54 -5.37
C ALA A 15 -0.93 17.76 -5.12
N TRP A 16 -0.15 16.70 -5.33
CA TRP A 16 1.30 16.76 -5.29
C TRP A 16 1.94 16.72 -6.67
N TYR A 17 1.27 16.14 -7.66
CA TYR A 17 1.88 15.86 -8.94
C TYR A 17 0.84 15.94 -10.05
N PHE A 18 1.33 16.07 -11.28
CA PHE A 18 0.43 16.00 -12.43
C PHE A 18 -0.18 14.62 -12.54
N SER A 19 -1.49 14.58 -12.78
CA SER A 19 -2.16 13.34 -13.15
C SER A 19 -3.03 13.60 -14.37
N PRO A 20 -3.01 12.71 -15.35
CA PRO A 20 -3.60 13.02 -16.67
C PRO A 20 -5.11 12.77 -16.74
N PHE A 21 -5.86 13.45 -15.86
CA PHE A 21 -7.29 13.57 -16.09
C PHE A 21 -7.52 14.30 -17.40
N PRO A 22 -8.67 14.08 -18.05
CA PRO A 22 -8.96 14.81 -19.29
C PRO A 22 -8.85 16.32 -19.11
N GLU A 23 -8.54 17.01 -20.21
CA GLU A 23 -8.20 18.42 -20.15
C GLU A 23 -9.32 19.26 -19.54
N ASP A 24 -10.57 18.96 -19.87
CA ASP A 24 -11.67 19.76 -19.34
C ASP A 24 -11.88 19.53 -17.85
N TYR A 25 -11.40 18.42 -17.31
CA TYR A 25 -11.47 18.21 -15.86
C TYR A 25 -10.36 18.98 -15.14
N GLY A 26 -9.16 19.02 -15.72
CA GLY A 26 -8.06 19.74 -15.09
C GLY A 26 -8.32 21.23 -14.97
N LYS A 27 -9.00 21.81 -15.96
CA LYS A 27 -9.26 23.24 -15.95
C LYS A 27 -10.16 23.68 -14.80
N GLN A 28 -10.92 22.76 -14.21
CA GLN A 28 -11.78 23.14 -13.11
C GLN A 28 -10.95 23.50 -11.88
N PRO A 29 -11.44 24.38 -11.01
CA PRO A 29 -10.69 24.70 -9.80
C PRO A 29 -10.55 23.51 -8.87
N LYS A 30 -11.50 22.57 -8.91
CA LYS A 30 -11.50 21.44 -7.99
C LYS A 30 -12.21 20.26 -8.65
N LEU A 31 -11.66 19.06 -8.43
CA LEU A 31 -12.27 17.84 -8.91
C LEU A 31 -12.99 17.14 -7.76
N TRP A 32 -14.21 16.67 -8.02
CA TRP A 32 -15.03 16.00 -7.03
C TRP A 32 -15.11 14.52 -7.33
N LEU A 33 -14.83 13.70 -6.32
CA LEU A 33 -14.73 12.25 -6.51
C LEU A 33 -15.66 11.52 -5.56
N CYS A 34 -16.48 10.63 -6.11
CA CYS A 34 -17.24 9.71 -5.28
C CYS A 34 -16.28 8.79 -4.55
N GLU A 35 -16.37 8.77 -3.22
CA GLU A 35 -15.44 7.95 -2.46
C GLU A 35 -15.69 6.46 -2.61
N TYR A 36 -16.82 6.07 -3.19
CA TYR A 36 -17.20 4.66 -3.28
C TYR A 36 -16.93 4.08 -4.66
N CYS A 37 -17.41 4.73 -5.72
CA CYS A 37 -17.17 4.23 -7.07
C CYS A 37 -16.02 4.95 -7.78
N LEU A 38 -15.50 6.04 -7.19
CA LEU A 38 -14.35 6.78 -7.69
C LEU A 38 -14.64 7.52 -8.99
N LYS A 39 -15.91 7.72 -9.33
CA LYS A 39 -16.26 8.60 -10.43
C LYS A 39 -15.82 10.03 -10.10
N TYR A 40 -15.13 10.67 -11.04
CA TYR A 40 -14.69 12.04 -10.86
C TYR A 40 -15.60 13.00 -11.63
N MET A 41 -15.80 14.19 -11.06
CA MET A 41 -16.80 15.12 -11.56
C MET A 41 -16.29 16.56 -11.48
N LYS A 42 -16.86 17.40 -12.33
CA LYS A 42 -16.41 18.77 -12.53
C LYS A 42 -17.04 19.77 -11.57
N TYR A 43 -18.23 19.50 -11.05
CA TYR A 43 -18.98 20.50 -10.31
C TYR A 43 -19.51 19.91 -9.01
N GLU A 44 -19.67 20.79 -8.02
CA GLU A 44 -20.29 20.38 -6.77
C GLU A 44 -21.70 19.85 -7.02
N LYS A 45 -22.43 20.48 -7.94
CA LYS A 45 -23.82 20.08 -8.15
C LYS A 45 -23.92 18.69 -8.77
N SER A 46 -23.07 18.37 -9.74
CA SER A 46 -23.07 16.99 -10.25
C SER A 46 -22.56 16.02 -9.18
N TYR A 47 -21.68 16.47 -8.30
CA TYR A 47 -21.22 15.64 -7.19
C TYR A 47 -22.37 15.35 -6.23
N ARG A 48 -23.13 16.40 -5.87
CA ARG A 48 -24.25 16.25 -4.94
C ARG A 48 -25.33 15.35 -5.52
N PHE A 49 -25.59 15.43 -6.82
CA PHE A 49 -26.60 14.57 -7.42
C PHE A 49 -26.13 13.12 -7.45
N HIS A 50 -24.86 12.88 -7.78
CA HIS A 50 -24.33 11.52 -7.81
C HIS A 50 -24.42 10.86 -6.45
N LEU A 51 -24.05 11.60 -5.39
CA LEU A 51 -24.11 11.05 -4.04
C LEU A 51 -25.50 10.56 -3.70
N GLY A 52 -26.52 11.34 -4.06
CA GLY A 52 -27.89 10.91 -3.82
C GLY A 52 -28.29 9.70 -4.65
N GLN A 53 -27.61 9.48 -5.76
CA GLN A 53 -27.93 8.38 -6.67
C GLN A 53 -27.05 7.15 -6.49
N CYS A 54 -25.78 7.33 -6.15
CA CYS A 54 -24.85 6.20 -6.15
C CYS A 54 -25.25 5.16 -5.11
N GLN A 55 -25.27 3.90 -5.54
CA GLN A 55 -25.64 2.81 -4.66
C GLN A 55 -24.44 2.10 -4.06
N TRP A 56 -23.23 2.35 -4.58
CA TRP A 56 -22.03 1.78 -3.98
C TRP A 56 -21.81 2.36 -2.60
N ARG A 57 -21.49 1.49 -1.65
CA ARG A 57 -21.04 1.93 -0.33
C ARG A 57 -19.72 1.25 0.05
N GLN A 58 -19.02 0.68 -0.92
CA GLN A 58 -17.76 -0.01 -0.70
C GLN A 58 -17.10 -0.31 -2.05
N PRO A 59 -15.82 -0.66 -2.09
CA PRO A 59 -15.17 -0.96 -3.37
C PRO A 59 -15.79 -2.17 -4.04
N PRO A 60 -15.57 -2.35 -5.35
CA PRO A 60 -16.01 -3.58 -6.00
C PRO A 60 -15.07 -4.73 -5.68
N GLY A 61 -15.13 -5.81 -6.45
CA GLY A 61 -14.28 -6.94 -6.15
C GLY A 61 -14.75 -7.63 -4.87
N LYS A 62 -13.91 -8.54 -4.38
CA LYS A 62 -14.24 -9.34 -3.21
C LYS A 62 -13.44 -8.88 -2.00
N GLU A 63 -14.12 -8.86 -0.85
CA GLU A 63 -13.52 -8.54 0.44
C GLU A 63 -12.66 -9.72 0.89
N ILE A 64 -11.34 -9.61 0.72
CA ILE A 64 -10.45 -10.71 1.11
C ILE A 64 -9.87 -10.53 2.49
N TYR A 65 -10.18 -9.43 3.18
CA TYR A 65 -9.75 -9.25 4.56
C TYR A 65 -10.79 -8.39 5.28
N ARG A 66 -11.16 -8.82 6.49
CA ARG A 66 -12.04 -8.03 7.34
C ARG A 66 -11.74 -8.39 8.78
N LYS A 67 -11.26 -7.41 9.55
CA LYS A 67 -11.16 -7.55 10.99
C LYS A 67 -11.66 -6.26 11.62
N SER A 68 -12.72 -6.36 12.41
CA SER A 68 -13.40 -5.19 12.98
C SER A 68 -13.78 -4.30 11.79
N ASN A 69 -13.38 -3.02 11.78
CA ASN A 69 -13.76 -2.11 10.71
C ASN A 69 -12.64 -1.84 9.70
N ILE A 70 -11.62 -2.69 9.68
CA ILE A 70 -10.56 -2.61 8.67
C ILE A 70 -10.84 -3.68 7.62
N SER A 71 -10.74 -3.30 6.36
CA SER A 71 -11.21 -4.14 5.28
C SER A 71 -10.31 -3.95 4.05
N VAL A 72 -10.06 -5.04 3.33
CA VAL A 72 -9.28 -4.99 2.09
C VAL A 72 -10.11 -5.66 1.00
N HIS A 73 -10.22 -4.99 -0.14
CA HIS A 73 -10.92 -5.53 -1.30
C HIS A 73 -9.91 -5.83 -2.40
N GLU A 74 -10.02 -7.03 -2.97
CA GLU A 74 -9.24 -7.41 -4.14
C GLU A 74 -10.06 -7.10 -5.38
N VAL A 75 -9.45 -6.40 -6.34
CA VAL A 75 -10.17 -5.90 -7.51
C VAL A 75 -9.32 -6.19 -8.73
N ASP A 76 -9.82 -7.05 -9.61
CA ASP A 76 -9.09 -7.42 -10.82
C ASP A 76 -9.22 -6.29 -11.85
N GLY A 77 -8.09 -5.87 -12.42
CA GLY A 77 -8.13 -4.79 -13.37
C GLY A 77 -8.92 -5.10 -14.62
N LYS A 78 -9.02 -6.39 -14.98
CA LYS A 78 -9.77 -6.78 -16.17
C LYS A 78 -11.28 -6.79 -15.91
N ASP A 79 -11.71 -7.11 -14.69
CA ASP A 79 -13.14 -7.17 -14.39
C ASP A 79 -13.74 -5.81 -14.01
N HIS A 80 -12.93 -4.86 -13.56
CA HIS A 80 -13.42 -3.56 -13.12
C HIS A 80 -12.52 -2.45 -13.69
N LYS A 81 -12.55 -2.32 -15.02
CA LYS A 81 -11.60 -1.46 -15.72
C LYS A 81 -11.76 0.00 -15.33
N ILE A 82 -12.97 0.55 -15.45
CA ILE A 82 -13.19 1.97 -15.19
C ILE A 82 -12.77 2.30 -13.76
N TYR A 83 -13.27 1.53 -12.79
CA TYR A 83 -12.93 1.77 -11.38
C TYR A 83 -11.42 1.85 -11.19
N CYS A 84 -10.68 0.87 -11.73
CA CYS A 84 -9.24 0.83 -11.54
C CYS A 84 -8.53 1.95 -12.27
N GLN A 85 -9.06 2.37 -13.42
CA GLN A 85 -8.51 3.54 -14.11
C GLN A 85 -8.66 4.79 -13.25
N ASN A 86 -9.84 4.97 -12.65
CA ASN A 86 -10.05 6.14 -11.80
C ASN A 86 -9.17 6.06 -10.55
N LEU A 87 -8.99 4.87 -10.01
CA LEU A 87 -8.08 4.69 -8.89
C LEU A 87 -6.66 5.13 -9.27
N CYS A 88 -6.22 4.75 -10.47
CA CYS A 88 -4.86 5.08 -10.89
C CYS A 88 -4.69 6.58 -11.08
N LEU A 89 -5.70 7.25 -11.66
CA LEU A 89 -5.65 8.70 -11.80
C LEU A 89 -5.60 9.38 -10.44
N LEU A 90 -6.38 8.88 -9.48
CA LEU A 90 -6.32 9.39 -8.12
C LEU A 90 -4.92 9.20 -7.53
N ALA A 91 -4.35 8.00 -7.69
CA ALA A 91 -3.05 7.72 -7.08
C ALA A 91 -1.95 8.57 -7.69
N LYS A 92 -2.03 8.84 -9.00
CA LYS A 92 -0.99 9.62 -9.66
C LYS A 92 -0.90 11.03 -9.12
N LEU A 93 -1.97 11.56 -8.51
CA LEU A 93 -1.91 12.88 -7.90
C LEU A 93 -0.92 12.92 -6.74
N PHE A 94 -0.61 11.77 -6.15
CA PHE A 94 0.27 11.69 -4.98
C PHE A 94 1.48 10.80 -5.20
N LEU A 95 1.69 10.29 -6.42
CA LEU A 95 2.83 9.44 -6.74
C LEU A 95 3.55 10.04 -7.94
N ASP A 96 4.83 10.39 -7.76
CA ASP A 96 5.61 10.96 -8.85
C ASP A 96 5.91 9.94 -9.92
N HIS A 97 6.18 8.69 -9.52
CA HIS A 97 6.82 7.72 -10.41
C HIS A 97 5.86 6.73 -11.09
OH ALY A 98 -1.05 1.44 -9.50
CH ALY A 98 -0.77 1.61 -10.72
CH3 ALY A 98 -0.41 0.46 -11.61
NZ ALY A 98 -0.76 2.87 -11.30
CE ALY A 98 -1.09 4.09 -10.62
CD ALY A 98 0.12 4.90 -10.13
CG ALY A 98 1.19 5.02 -11.20
CB ALY A 98 2.21 6.01 -10.68
CA ALY A 98 3.59 5.96 -11.39
N ALY A 98 4.59 6.77 -10.73
C ALY A 98 3.43 6.45 -12.82
O ALY A 98 3.38 7.64 -13.12
N THR A 99 3.35 5.49 -13.75
CA THR A 99 3.26 5.83 -15.17
C THR A 99 2.09 5.17 -15.87
N LEU A 100 1.48 4.18 -15.24
CA LEU A 100 0.43 3.39 -15.86
C LEU A 100 -0.91 3.73 -15.22
N TYR A 101 -1.88 4.15 -16.05
CA TYR A 101 -3.20 4.58 -15.56
C TYR A 101 -4.37 3.99 -16.31
N PHE A 102 -4.21 3.57 -17.57
CA PHE A 102 -5.33 3.11 -18.37
C PHE A 102 -5.21 1.67 -18.80
N ASP A 103 -3.99 1.12 -18.85
CA ASP A 103 -3.80 -0.30 -19.10
C ASP A 103 -3.74 -1.04 -17.77
N VAL A 104 -4.92 -1.20 -17.16
CA VAL A 104 -5.02 -1.78 -15.82
C VAL A 104 -5.25 -3.29 -15.85
N GLU A 105 -5.51 -3.88 -17.02
CA GLU A 105 -5.77 -5.32 -17.09
C GLU A 105 -4.66 -6.20 -16.50
N PRO A 106 -3.37 -5.91 -16.67
CA PRO A 106 -2.34 -6.76 -16.05
C PRO A 106 -2.24 -6.65 -14.54
N PHE A 107 -3.10 -5.89 -13.88
CA PHE A 107 -2.93 -5.60 -12.46
C PHE A 107 -4.12 -6.08 -11.65
N VAL A 108 -3.84 -6.43 -10.40
CA VAL A 108 -4.84 -6.58 -9.37
C VAL A 108 -4.61 -5.47 -8.35
N PHE A 109 -5.70 -4.90 -7.84
CA PHE A 109 -5.63 -3.76 -6.93
C PHE A 109 -6.24 -4.16 -5.59
N TYR A 110 -5.57 -3.76 -4.51
CA TYR A 110 -6.02 -4.08 -3.16
C TYR A 110 -6.34 -2.77 -2.44
N ILE A 111 -7.62 -2.59 -2.12
CA ILE A 111 -8.13 -1.32 -1.62
C ILE A 111 -8.33 -1.43 -0.13
N LEU A 112 -7.64 -0.58 0.64
CA LEU A 112 -7.81 -0.53 2.08
C LEU A 112 -8.92 0.46 2.43
N THR A 113 -9.89 0.00 3.22
CA THR A 113 -10.98 0.87 3.66
C THR A 113 -11.17 0.77 5.17
N GLU A 114 -11.74 1.85 5.71
CA GLU A 114 -12.10 1.97 7.11
C GLU A 114 -13.62 2.16 7.18
N VAL A 115 -14.30 1.26 7.87
CA VAL A 115 -15.75 1.12 7.76
C VAL A 115 -16.42 1.82 8.93
N ASP A 116 -17.53 2.52 8.65
CA ASP A 116 -18.46 2.94 9.68
C ASP A 116 -19.90 2.68 9.23
N ARG A 117 -20.87 3.29 9.91
CA ARG A 117 -22.27 3.05 9.59
C ARG A 117 -22.62 3.44 8.16
N GLN A 118 -21.90 4.40 7.57
CA GLN A 118 -22.26 4.91 6.26
C GLN A 118 -21.67 4.06 5.13
N GLY A 119 -20.49 3.50 5.32
CA GLY A 119 -19.89 2.68 4.29
C GLY A 119 -18.41 2.42 4.57
N ALA A 120 -17.75 1.89 3.55
CA ALA A 120 -16.32 1.55 3.61
C ALA A 120 -15.54 2.66 2.93
N HIS A 121 -14.81 3.44 3.72
CA HIS A 121 -14.18 4.67 3.25
C HIS A 121 -12.74 4.39 2.84
N ILE A 122 -12.38 4.79 1.62
CA ILE A 122 -11.10 4.41 1.05
C ILE A 122 -9.97 5.14 1.75
N VAL A 123 -8.93 4.40 2.10
CA VAL A 123 -7.75 4.93 2.76
C VAL A 123 -6.56 4.95 1.81
N GLY A 124 -6.38 3.89 1.04
CA GLY A 124 -5.26 3.78 0.15
C GLY A 124 -5.36 2.46 -0.59
N TYR A 125 -4.28 2.10 -1.28
CA TYR A 125 -4.30 0.88 -2.06
C TYR A 125 -2.87 0.49 -2.41
N PHE A 126 -2.71 -0.75 -2.87
CA PHE A 126 -1.54 -1.09 -3.65
C PHE A 126 -1.96 -1.94 -4.84
N SER A 127 -1.25 -1.76 -5.94
CA SER A 127 -1.42 -2.57 -7.14
C SER A 127 -0.30 -3.60 -7.20
N LYS A 128 -0.55 -4.64 -7.96
CA LYS A 128 0.35 -5.78 -8.06
C LYS A 128 0.19 -6.40 -9.43
N GLU A 129 1.30 -6.71 -10.08
CA GLU A 129 1.22 -7.39 -11.36
C GLU A 129 0.75 -8.83 -11.17
N LYS A 130 -0.23 -9.23 -11.98
CA LYS A 130 -0.70 -10.61 -11.95
C LYS A 130 0.45 -11.58 -12.18
N GLU A 131 1.38 -11.22 -13.07
CA GLU A 131 2.59 -12.00 -13.32
C GLU A 131 3.79 -11.06 -13.28
N SER A 132 4.55 -11.11 -12.19
CA SER A 132 5.69 -10.21 -12.02
C SER A 132 6.99 -10.95 -12.33
N PRO A 133 7.62 -10.69 -13.48
CA PRO A 133 8.88 -11.37 -13.77
C PRO A 133 9.99 -11.02 -12.79
N ASP A 134 10.03 -9.78 -12.33
CA ASP A 134 11.09 -9.30 -11.46
C ASP A 134 10.83 -9.63 -9.98
N GLY A 135 9.79 -10.40 -9.70
CA GLY A 135 9.46 -10.70 -8.32
C GLY A 135 9.15 -9.46 -7.51
N ASN A 136 8.25 -8.62 -8.03
CA ASN A 136 7.73 -7.48 -7.27
C ASN A 136 6.39 -7.85 -6.67
N ASN A 137 6.27 -7.77 -5.35
CA ASN A 137 4.99 -8.03 -4.71
C ASN A 137 4.16 -6.77 -4.54
N VAL A 138 4.67 -5.61 -4.94
CA VAL A 138 3.93 -4.35 -5.01
C VAL A 138 4.41 -3.61 -6.25
N SER A 139 3.46 -3.09 -7.03
CA SER A 139 3.77 -2.20 -8.15
C SER A 139 3.76 -0.74 -7.71
N CYS A 140 2.62 -0.26 -7.22
CA CYS A 140 2.51 1.06 -6.62
C CYS A 140 1.71 0.95 -5.34
N ILE A 141 2.10 1.73 -4.32
CA ILE A 141 1.41 1.74 -3.04
C ILE A 141 1.23 3.19 -2.61
N MET A 142 0.02 3.54 -2.21
CA MET A 142 -0.35 4.94 -1.98
C MET A 142 -1.32 5.01 -0.81
N ILE A 143 -1.03 5.90 0.13
CA ILE A 143 -1.94 6.26 1.22
C ILE A 143 -2.37 7.70 1.00
N LEU A 144 -3.68 7.95 1.03
CA LEU A 144 -4.16 9.32 0.86
C LEU A 144 -3.62 10.21 1.99
N PRO A 145 -3.24 11.45 1.69
CA PRO A 145 -2.50 12.27 2.67
C PRO A 145 -3.15 12.32 4.05
N PRO A 146 -4.48 12.54 4.17
CA PRO A 146 -5.06 12.61 5.53
C PRO A 146 -4.90 11.34 6.35
N TYR A 147 -4.51 10.22 5.73
CA TYR A 147 -4.32 8.97 6.44
C TYR A 147 -2.85 8.60 6.57
N GLN A 148 -1.94 9.45 6.10
CA GLN A 148 -0.53 9.09 6.08
C GLN A 148 0.06 9.18 7.49
N ARG A 149 1.08 8.36 7.72
CA ARG A 149 1.80 8.31 8.99
C ARG A 149 0.85 8.01 10.16
N ARG A 150 -0.10 7.12 9.93
CA ARG A 150 -1.03 6.74 10.98
C ARG A 150 -1.21 5.24 11.08
N GLY A 151 -0.28 4.46 10.51
CA GLY A 151 -0.33 3.01 10.59
C GLY A 151 -0.97 2.32 9.41
N TYR A 152 -1.64 3.05 8.52
CA TYR A 152 -2.30 2.40 7.39
C TYR A 152 -1.30 1.94 6.35
N GLY A 153 -0.24 2.72 6.10
CA GLY A 153 0.79 2.30 5.17
C GLY A 153 1.53 1.07 5.65
N ARG A 154 1.85 1.01 6.94
CA ARG A 154 2.48 -0.18 7.49
C ARG A 154 1.57 -1.40 7.34
N PHE A 155 0.28 -1.22 7.63
CA PHE A 155 -0.67 -2.31 7.44
C PHE A 155 -0.60 -2.85 6.02
N LEU A 156 -0.64 -1.95 5.02
CA LEU A 156 -0.66 -2.39 3.63
C LEU A 156 0.65 -3.06 3.25
N ILE A 157 1.78 -2.53 3.76
CA ILE A 157 3.07 -3.18 3.51
C ILE A 157 3.04 -4.59 4.07
N ALA A 158 2.67 -4.73 5.35
CA ALA A 158 2.57 -6.05 5.97
C ALA A 158 1.63 -6.95 5.19
N PHE A 159 0.54 -6.37 4.68
CA PHE A 159 -0.45 -7.14 3.93
C PHE A 159 0.16 -7.69 2.63
N SER A 160 0.94 -6.89 1.92
CA SER A 160 1.56 -7.35 0.68
C SER A 160 2.46 -8.55 0.94
N TYR A 161 3.13 -8.57 2.09
CA TYR A 161 4.04 -9.67 2.39
C TYR A 161 3.27 -10.91 2.84
N GLU A 162 2.11 -10.74 3.47
CA GLU A 162 1.27 -11.89 3.81
C GLU A 162 0.80 -12.61 2.55
N LEU A 163 0.49 -11.86 1.50
CA LEU A 163 0.17 -12.48 0.22
C LEU A 163 1.37 -13.24 -0.32
N SER A 164 2.56 -12.63 -0.26
CA SER A 164 3.77 -13.29 -0.73
C SER A 164 4.02 -14.58 0.04
N LYS A 165 3.82 -14.55 1.36
CA LYS A 165 3.93 -15.77 2.15
C LYS A 165 3.00 -16.85 1.63
N LEU A 166 1.74 -16.51 1.40
CA LEU A 166 0.76 -17.48 0.92
C LEU A 166 1.11 -17.99 -0.47
N GLU A 167 1.85 -17.20 -1.25
CA GLU A 167 2.31 -17.61 -2.56
C GLU A 167 3.61 -18.40 -2.51
N SER A 168 4.15 -18.60 -1.30
CA SER A 168 5.43 -19.31 -1.11
C SER A 168 6.56 -18.65 -1.90
N THR A 169 6.57 -17.33 -1.91
CA THR A 169 7.58 -16.58 -2.64
C THR A 169 8.07 -15.40 -1.80
N VAL A 170 9.19 -14.82 -2.23
CA VAL A 170 9.66 -13.56 -1.71
C VAL A 170 9.32 -12.49 -2.74
N GLY A 171 9.21 -11.24 -2.28
CA GLY A 171 8.91 -10.14 -3.16
C GLY A 171 9.46 -8.84 -2.60
N SER A 172 9.53 -7.85 -3.48
CA SER A 172 10.01 -6.52 -3.14
C SER A 172 9.15 -5.49 -3.86
N PRO A 173 8.95 -4.31 -3.27
CA PRO A 173 8.21 -3.26 -3.98
C PRO A 173 8.98 -2.79 -5.21
N GLU A 174 8.24 -2.46 -6.25
CA GLU A 174 8.85 -1.89 -7.45
C GLU A 174 9.49 -0.55 -7.12
N LYS A 175 10.69 -0.32 -7.66
CA LYS A 175 11.39 0.94 -7.46
C LYS A 175 11.21 1.86 -8.65
N PRO A 176 11.40 3.18 -8.48
CA PRO A 176 11.78 3.88 -7.25
C PRO A 176 10.61 4.09 -6.29
N LEU A 177 10.91 4.03 -5.01
CA LEU A 177 9.91 4.34 -3.99
C LEU A 177 9.89 5.84 -3.72
N SER A 178 8.73 6.33 -3.30
CA SER A 178 8.63 7.72 -2.88
C SER A 178 9.44 7.92 -1.60
N ASP A 179 9.64 9.19 -1.24
CA ASP A 179 10.44 9.51 -0.06
C ASP A 179 9.81 8.91 1.19
N LEU A 180 8.51 9.10 1.38
CA LEU A 180 7.81 8.47 2.50
C LEU A 180 7.72 6.97 2.33
N GLY A 181 7.74 6.48 1.09
CA GLY A 181 7.70 5.05 0.87
C GLY A 181 8.97 4.35 1.33
N LYS A 182 10.13 4.96 1.07
CA LYS A 182 11.40 4.41 1.53
C LYS A 182 11.43 4.29 3.05
N LEU A 183 11.13 5.39 3.75
CA LEU A 183 11.15 5.36 5.21
C LEU A 183 10.18 4.33 5.75
N SER A 184 9.02 4.19 5.12
CA SER A 184 8.02 3.26 5.61
C SER A 184 8.50 1.83 5.45
N TYR A 185 9.08 1.49 4.29
CA TYR A 185 9.55 0.13 4.07
C TYR A 185 10.72 -0.20 4.97
N ARG A 186 11.66 0.73 5.13
CA ARG A 186 12.82 0.48 5.99
C ARG A 186 12.39 0.27 7.44
N SER A 187 11.40 1.05 7.90
CA SER A 187 10.91 0.89 9.25
C SER A 187 10.18 -0.43 9.43
N TYR A 188 9.35 -0.81 8.45
CA TYR A 188 8.66 -2.10 8.53
C TYR A 188 9.66 -3.25 8.51
N TRP A 189 10.65 -3.19 7.60
CA TRP A 189 11.65 -4.24 7.53
C TRP A 189 12.38 -4.38 8.87
N SER A 190 12.81 -3.26 9.44
CA SER A 190 13.52 -3.30 10.73
C SER A 190 12.65 -3.93 11.81
N SER A 191 11.41 -3.45 11.95
CA SER A 191 10.50 -3.99 12.95
C SER A 191 10.39 -5.50 12.85
N VAL A 192 10.16 -6.00 11.63
CA VAL A 192 9.88 -7.42 11.43
C VAL A 192 11.12 -8.26 11.72
N LEU A 193 12.28 -7.85 11.18
CA LEU A 193 13.50 -8.63 11.38
C LEU A 193 13.96 -8.57 12.83
N LEU A 194 13.89 -7.39 13.45
CA LEU A 194 14.29 -7.27 14.85
C LEU A 194 13.40 -8.11 15.75
N GLU A 195 12.10 -8.18 15.44
CA GLU A 195 11.20 -9.00 16.25
C GLU A 195 11.52 -10.49 16.08
N ASN A 196 11.88 -10.90 14.87
CA ASN A 196 12.23 -12.30 14.65
C ASN A 196 13.57 -12.64 15.31
N LEU A 197 14.51 -11.69 15.33
CA LEU A 197 15.78 -11.93 15.99
C LEU A 197 15.65 -11.95 17.51
N ARG A 198 14.66 -11.23 18.05
CA ARG A 198 14.43 -11.26 19.49
C ARG A 198 13.83 -12.60 19.91
N ASP A 199 12.82 -13.06 19.20
CA ASP A 199 12.11 -14.30 19.56
C ASP A 199 12.98 -15.54 19.36
N LEU A 204 19.19 -18.20 13.38
CA LEU A 204 18.57 -17.69 12.15
C LEU A 204 19.60 -17.15 11.17
N SER A 205 19.63 -17.73 9.98
CA SER A 205 20.43 -17.20 8.90
C SER A 205 19.66 -16.11 8.16
N ILE A 206 20.32 -15.48 7.19
CA ILE A 206 19.62 -14.53 6.34
C ILE A 206 18.60 -15.25 5.46
N LYS A 207 18.94 -16.46 5.00
CA LYS A 207 17.98 -17.23 4.21
C LYS A 207 16.77 -17.64 5.05
N ASP A 208 16.97 -17.92 6.34
CA ASP A 208 15.86 -18.24 7.21
C ASP A 208 14.91 -17.05 7.34
N LEU A 209 15.46 -15.89 7.71
CA LEU A 209 14.66 -14.67 7.84
C LEU A 209 13.88 -14.40 6.55
N SER A 210 14.48 -14.69 5.40
CA SER A 210 13.81 -14.45 4.13
C SER A 210 12.61 -15.37 3.96
N GLN A 211 12.76 -16.64 4.31
CA GLN A 211 11.66 -17.58 4.15
C GLN A 211 10.55 -17.33 5.17
N MET A 212 10.89 -16.87 6.36
CA MET A 212 9.88 -16.63 7.37
C MET A 212 9.08 -15.38 7.10
N THR A 213 9.65 -14.40 6.39
CA THR A 213 9.04 -13.09 6.23
C THR A 213 8.66 -12.75 4.79
N SER A 214 9.13 -13.50 3.80
CA SER A 214 9.01 -13.19 2.37
C SER A 214 9.72 -11.90 1.98
N ILE A 215 10.50 -11.32 2.88
CA ILE A 215 11.42 -10.24 2.50
C ILE A 215 12.59 -10.84 1.73
N THR A 216 12.98 -10.19 0.64
CA THR A 216 14.11 -10.68 -0.13
C THR A 216 15.40 -10.57 0.67
N GLN A 217 16.38 -11.39 0.29
CA GLN A 217 17.66 -11.37 1.00
C GLN A 217 18.34 -10.02 0.85
N ASN A 218 18.25 -9.41 -0.34
CA ASN A 218 18.83 -8.09 -0.55
C ASN A 218 18.24 -7.06 0.40
N ASP A 219 16.91 -7.06 0.53
CA ASP A 219 16.27 -6.10 1.44
C ASP A 219 16.60 -6.42 2.90
N ILE A 220 16.69 -7.70 3.24
CA ILE A 220 17.13 -8.06 4.59
C ILE A 220 18.54 -7.58 4.83
N ILE A 221 19.45 -7.85 3.87
CA ILE A 221 20.85 -7.47 4.04
C ILE A 221 20.98 -5.96 4.17
N SER A 222 20.38 -5.22 3.22
CA SER A 222 20.48 -3.77 3.28
C SER A 222 19.91 -3.20 4.58
N THR A 223 18.86 -3.83 5.12
CA THR A 223 18.31 -3.39 6.40
C THR A 223 19.27 -3.73 7.55
N LEU A 224 19.81 -4.95 7.56
CA LEU A 224 20.74 -5.32 8.61
C LEU A 224 22.01 -4.48 8.57
N GLN A 225 22.43 -4.08 7.37
CA GLN A 225 23.55 -3.15 7.25
C GLN A 225 23.23 -1.80 7.88
N SER A 226 22.04 -1.27 7.63
CA SER A 226 21.68 0.02 8.23
C SER A 226 21.62 -0.09 9.75
N LEU A 227 21.29 -1.27 10.27
CA LEU A 227 21.30 -1.53 11.71
C LEU A 227 22.68 -1.94 12.20
N ASN A 228 23.64 -2.13 11.30
CA ASN A 228 24.98 -2.59 11.65
C ASN A 228 24.91 -3.92 12.42
N MET A 229 24.22 -4.89 11.82
CA MET A 229 24.03 -6.20 12.45
C MET A 229 24.50 -7.33 11.55
N VAL A 230 25.33 -7.03 10.56
CA VAL A 230 25.81 -8.04 9.63
C VAL A 230 27.33 -7.97 9.61
N LYS A 231 27.96 -9.14 9.60
CA LYS A 231 29.38 -9.30 9.35
C LYS A 231 29.59 -9.82 7.93
N TYR A 232 30.75 -9.54 7.36
CA TYR A 232 31.14 -10.09 6.07
C TYR A 232 32.28 -11.07 6.29
N TRP A 233 32.14 -12.27 5.72
CA TRP A 233 33.18 -13.29 5.83
C TRP A 233 33.29 -14.01 4.49
N LYS A 234 34.39 -13.73 3.77
CA LYS A 234 34.75 -14.43 2.54
C LYS A 234 33.62 -14.41 1.52
N GLY A 235 33.08 -13.22 1.29
CA GLY A 235 32.08 -13.02 0.27
C GLY A 235 30.65 -13.29 0.68
N GLN A 236 30.39 -13.49 1.97
CA GLN A 236 29.05 -13.82 2.45
C GLN A 236 28.66 -12.89 3.59
N HIS A 237 27.48 -12.29 3.50
CA HIS A 237 26.92 -11.57 4.62
C HIS A 237 26.47 -12.55 5.69
N VAL A 238 26.80 -12.24 6.95
CA VAL A 238 26.52 -13.13 8.07
C VAL A 238 25.90 -12.30 9.19
N ILE A 239 24.79 -12.79 9.74
CA ILE A 239 24.09 -12.07 10.81
C ILE A 239 24.93 -12.13 12.08
N CYS A 240 25.24 -10.96 12.64
CA CYS A 240 26.06 -10.86 13.84
C CYS A 240 25.38 -9.89 14.80
N VAL A 241 24.54 -10.41 15.69
CA VAL A 241 23.81 -9.58 16.63
C VAL A 241 23.68 -10.33 17.95
N THR A 242 23.76 -9.58 19.05
CA THR A 242 23.50 -10.16 20.37
C THR A 242 22.07 -9.83 20.79
N PRO A 243 21.41 -10.78 21.47
CA PRO A 243 20.02 -10.55 21.90
C PRO A 243 19.80 -9.25 22.65
N LYS A 244 20.83 -8.71 23.32
CA LYS A 244 20.68 -7.42 23.97
C LYS A 244 20.68 -6.28 22.95
N LEU A 245 21.55 -6.35 21.95
CA LEU A 245 21.57 -5.34 20.91
C LEU A 245 20.22 -5.22 20.23
N VAL A 246 19.57 -6.36 19.97
CA VAL A 246 18.25 -6.37 19.36
C VAL A 246 17.26 -5.60 20.23
N GLU A 247 17.24 -5.88 21.53
CA GLU A 247 16.29 -5.24 22.42
C GLU A 247 16.52 -3.74 22.50
N GLU A 248 17.79 -3.31 22.49
CA GLU A 248 18.10 -1.89 22.46
C GLU A 248 17.40 -1.20 21.30
N HIS A 249 17.51 -1.77 20.10
CA HIS A 249 16.86 -1.17 18.93
C HIS A 249 15.34 -1.20 19.06
N LEU A 250 14.79 -2.28 19.60
CA LEU A 250 13.34 -2.50 19.50
C LEU A 250 12.58 -1.54 20.39
N LYS A 251 13.02 -1.35 21.63
CA LYS A 251 12.35 -0.44 22.55
C LYS A 251 12.66 1.03 22.24
N SER A 252 13.40 1.31 21.18
CA SER A 252 13.66 2.69 20.82
C SER A 252 12.38 3.38 20.36
N ALA A 253 12.50 4.69 20.12
CA ALA A 253 11.33 5.55 20.04
C ALA A 253 10.40 5.16 18.88
N GLN A 254 10.97 4.90 17.71
CA GLN A 254 10.15 4.82 16.50
C GLN A 254 9.27 3.57 16.45
N TYR A 255 9.56 2.54 17.24
CA TYR A 255 8.77 1.32 17.26
C TYR A 255 7.71 1.33 18.35
N LYS A 256 7.23 2.51 18.75
CA LYS A 256 6.35 2.65 19.91
C LYS A 256 4.88 2.81 19.55
N LYS A 257 4.55 3.24 18.34
CA LYS A 257 3.14 3.37 17.97
C LYS A 257 2.53 1.99 17.74
N PRO A 258 1.37 1.70 18.32
CA PRO A 258 0.78 0.35 18.18
C PRO A 258 0.22 0.14 16.79
N PRO A 259 0.72 -0.86 16.07
CA PRO A 259 0.31 -1.03 14.67
C PRO A 259 -1.11 -1.56 14.57
N ILE A 260 -1.70 -1.32 13.38
CA ILE A 260 -2.83 -2.12 12.93
C ILE A 260 -2.24 -3.45 12.45
N THR A 261 -2.61 -4.53 13.10
CA THR A 261 -2.01 -5.81 12.75
C THR A 261 -2.78 -6.47 11.61
N VAL A 262 -2.05 -7.16 10.76
CA VAL A 262 -2.64 -8.07 9.80
C VAL A 262 -2.84 -9.40 10.50
N ASP A 263 -4.10 -9.75 10.76
CA ASP A 263 -4.45 -11.04 11.37
C ASP A 263 -4.66 -12.04 10.24
N SER A 264 -3.71 -12.97 10.08
CA SER A 264 -3.80 -13.94 8.99
C SER A 264 -5.07 -14.76 9.08
N VAL A 265 -5.61 -14.93 10.29
CA VAL A 265 -6.87 -15.64 10.47
C VAL A 265 -8.02 -14.95 9.73
N CYS A 266 -7.94 -13.64 9.57
CA CYS A 266 -8.99 -12.86 8.90
C CYS A 266 -8.73 -12.66 7.42
N LEU A 267 -7.65 -13.23 6.89
CA LEU A 267 -7.30 -13.06 5.48
C LEU A 267 -7.83 -14.25 4.69
N LYS A 268 -8.85 -14.00 3.87
CA LYS A 268 -9.51 -15.03 3.06
C LYS A 268 -8.96 -14.95 1.64
N TRP A 269 -7.88 -15.66 1.37
CA TRP A 269 -7.21 -15.52 0.09
C TRP A 269 -6.44 -16.80 -0.26
N ALA A 270 -6.65 -17.29 -1.49
CA ALA A 270 -5.95 -18.42 -2.04
C ALA A 270 -5.03 -17.99 -3.19
N PRO A 271 -3.81 -18.50 -3.24
CA PRO A 271 -2.84 -18.04 -4.26
C PRO A 271 -3.26 -18.48 -5.65
N PRO A 272 -3.11 -17.59 -6.66
CA PRO A 272 -3.42 -17.92 -8.06
C PRO A 272 -2.53 -19.04 -8.59
ZN ZN B . -20.36 6.69 -6.93
NA NA C . -4.07 18.67 1.63
C1 GOL D . 8.76 5.69 9.56
O1 GOL D . 8.68 5.06 10.82
C2 GOL D . 7.69 6.77 9.47
O2 GOL D . 8.25 7.90 8.83
C3 GOL D . 6.54 6.26 8.63
O3 GOL D . 5.43 7.11 8.79
C1 GOL E . 28.66 -6.03 5.70
O1 GOL E . 27.74 -6.05 4.64
C2 GOL E . 29.11 -4.60 5.94
O2 GOL E . 28.04 -3.83 6.41
C3 GOL E . 30.22 -4.61 6.99
O3 GOL E . 30.79 -3.32 7.10
S SO4 F . -8.70 13.86 10.02
O1 SO4 F . -8.46 12.59 9.32
O2 SO4 F . -8.41 13.69 11.46
O3 SO4 F . -7.84 14.91 9.48
O4 SO4 F . -10.11 14.25 9.86
C13 O9V G . 2.48 5.97 5.09
C20 O9V G . 4.24 3.46 8.71
C21 O9V G . 4.74 2.67 7.64
C22 O9V G . 5.77 1.78 7.88
C24 O9V G . 5.82 2.48 10.23
C01 O9V G . 0.91 8.91 -1.13
C02 O9V G . 2.43 8.64 -1.40
C03 O9V G . 3.04 7.65 -0.39
C05 O9V G . 2.38 6.13 1.26
C06 O9V G . 2.98 4.95 0.92
C07 O9V G . 3.43 4.08 1.93
C08 O9V G . 4.10 2.72 1.59
C09 O9V G . 3.26 4.42 3.26
C11 O9V G . 2.65 5.61 3.59
C12 O9V G . 2.22 6.48 2.60
C23 O9V G . 6.33 1.67 9.17
C25 O9V G . 4.79 3.35 9.99
F10 O9V G . 3.67 3.58 4.16
N15 O9V G . 3.47 5.57 6.00
N16 O9V G . 3.40 5.84 7.43
O04 O9V G . 1.95 6.98 0.28
O14 O9V G . 1.50 6.60 5.47
O18 O9V G . 1.82 3.92 7.85
O19 O9V G . 2.37 5.08 9.63
S17 O9V G . 2.90 4.61 8.41
#